data_1EO4
#
_entry.id   1EO4
#
_cell.length_a   47.7
_cell.length_b   48.5
_cell.length_c   63.7
_cell.angle_alpha   96.7
_cell.angle_beta   109.6
_cell.angle_gamma   106.3
#
_symmetry.space_group_name_H-M   'P 1'
#
loop_
_entity.id
_entity.type
_entity.pdbx_description
1 polymer "DNA (5'-D(*CP*AP*AP*GP*AP*(TSP)P*AP*TP*CP*TP*T)-3')"
2 polymer 'TYPE II RESTRICTION ENZYME ECORV'
3 non-polymer 'MANGANESE (II) ION'
4 non-polymer 'ACETIC ACID'
5 water water
#
loop_
_entity_poly.entity_id
_entity_poly.type
_entity_poly.pdbx_seq_one_letter_code
_entity_poly.pdbx_strand_id
1 'polydeoxyribonucleotide' (DC)(DA)(DA)(DG)(DA)(TSP)(DA)(DT)(DC)(DT)(DT) C,D
2 'polypeptide(L)'
;MSLRSDLINALYDENQKYDVCGIISAEGKIYPLGSDTKVLSTIFELFSRPIINKIAEKHGYIVEEPKQQNHYPDFTLYKP
SEPNKKIAIDIKTTYTNKENEKIKFTLGGYTSFIRNNTKNIVYPFDQYIAHWIIGYVYTRVATRKSSLKTYNINELNEIP
KPYKGVKVFLQDKWVIAGDLAGSGNTTNIGSIHAHYKDFVEGKGIFDSEDEFLDYWRNYERTSQLRNDKYNNISEYRNWI
YRGRK
;
A,B
#
loop_
_chem_comp.id
_chem_comp.type
_chem_comp.name
_chem_comp.formula
ACY non-polymer 'ACETIC ACID' 'C2 H4 O2'
DA DNA linking 2'-DEOXYADENOSINE-5'-MONOPHOSPHATE 'C10 H14 N5 O6 P'
DC DNA linking 2'-DEOXYCYTIDINE-5'-MONOPHOSPHATE 'C9 H14 N3 O7 P'
DG DNA linking 2'-DEOXYGUANOSINE-5'-MONOPHOSPHATE 'C10 H14 N5 O7 P'
DT DNA linking THYMIDINE-5'-MONOPHOSPHATE 'C10 H15 N2 O8 P'
MN non-polymer 'MANGANESE (II) ION' 'Mn 2'
TSP DNA linking 3'-THIO-THYMIDINE-5'-PHOSPHATE 'C10 H15 N2 O7 P S'
#
# COMPACT_ATOMS: atom_id res chain seq x y z
P TSP A 6 6.69 9.65 6.66
OP1 TSP A 6 5.83 10.71 7.29
OP2 TSP A 6 7.11 8.44 7.44
O5' TSP A 6 5.96 9.09 5.35
C5' TSP A 6 5.40 9.98 4.35
C4' TSP A 6 4.22 9.31 3.70
O4' TSP A 6 4.73 8.36 2.72
C3' TSP A 6 3.61 8.46 4.82
S3' TSP A 6 1.92 8.43 5.16
C2' TSP A 6 4.01 7.03 4.51
C1' TSP A 6 4.32 7.04 3.03
N1 TSP A 6 5.45 6.12 2.82
C2 TSP A 6 5.49 5.34 1.70
O2 TSP A 6 4.75 5.50 0.73
N3 TSP A 6 6.48 4.37 1.71
C4 TSP A 6 7.42 4.17 2.70
O4 TSP A 6 8.20 3.24 2.60
C5 TSP A 6 7.37 5.10 3.81
C5M TSP A 6 8.39 5.02 4.90
C6 TSP A 6 6.39 6.02 3.81
P TSP B 6 10.55 -7.74 -1.41
OP1 TSP B 6 10.55 -8.79 -2.45
OP2 TSP B 6 11.19 -6.46 -1.66
O5' TSP B 6 9.01 -7.45 -1.08
C5' TSP B 6 8.09 -8.53 -0.89
C4' TSP B 6 6.71 -7.97 -0.54
O4' TSP B 6 6.76 -7.31 0.76
C3' TSP B 6 6.26 -6.85 -1.46
S3' TSP B 6 5.67 -7.38 -3.01
C2' TSP B 6 5.24 -6.09 -0.62
C1' TSP B 6 5.90 -6.17 0.76
N1 TSP B 6 6.69 -4.96 1.10
C2 TSP B 6 6.03 -3.97 1.80
O2 TSP B 6 4.84 -4.03 2.08
N3 TSP B 6 6.79 -2.91 2.16
C4 TSP B 6 8.12 -2.69 1.87
O4 TSP B 6 8.68 -1.65 2.29
C5 TSP B 6 8.75 -3.74 1.10
C5M TSP B 6 10.19 -3.59 0.71
C6 TSP B 6 8.02 -4.81 0.77
N SER C 2 -19.25 16.47 20.75
CA SER C 2 -18.16 17.19 20.05
C SER C 2 -17.99 16.61 18.67
N LEU C 3 -17.09 17.21 17.91
CA LEU C 3 -16.79 16.71 16.57
C LEU C 3 -16.33 15.22 16.70
N ARG C 4 -15.44 15.01 17.66
CA ARG C 4 -14.88 13.71 17.96
C ARG C 4 -15.92 12.65 18.36
N SER C 5 -16.79 12.98 19.32
CA SER C 5 -17.80 12.00 19.74
C SER C 5 -18.70 11.70 18.54
N ASP C 6 -19.02 12.71 17.77
CA ASP C 6 -19.85 12.52 16.59
C ASP C 6 -19.12 11.71 15.49
N LEU C 7 -17.82 11.96 15.35
CA LEU C 7 -17.00 11.25 14.35
C LEU C 7 -16.95 9.77 14.66
N ILE C 8 -16.54 9.45 15.88
CA ILE C 8 -16.47 8.03 16.21
C ILE C 8 -17.84 7.37 16.16
N ASN C 9 -18.89 8.09 16.58
CA ASN C 9 -20.26 7.57 16.53
C ASN C 9 -20.63 7.22 15.06
N ALA C 10 -20.45 8.17 14.16
CA ALA C 10 -20.70 7.98 12.73
C ALA C 10 -19.90 6.76 12.14
N LEU C 11 -18.62 6.65 12.52
CA LEU C 11 -17.74 5.54 12.05
C LEU C 11 -18.22 4.19 12.60
N TYR C 12 -18.40 4.14 13.92
CA TYR C 12 -18.86 2.92 14.58
C TYR C 12 -20.19 2.46 14.00
N ASP C 13 -21.03 3.44 13.66
CA ASP C 13 -22.36 3.21 13.09
C ASP C 13 -22.30 2.75 11.64
N GLU C 14 -21.50 3.43 10.82
CA GLU C 14 -21.39 3.04 9.41
C GLU C 14 -20.85 1.60 9.27
N ASN C 15 -19.87 1.25 10.11
CA ASN C 15 -19.27 -0.09 10.13
C ASN C 15 -20.35 -1.13 10.50
N GLN C 16 -21.26 -0.75 11.39
CA GLN C 16 -22.31 -1.69 11.77
C GLN C 16 -23.28 -1.96 10.65
N LYS C 17 -23.69 -0.91 9.97
CA LYS C 17 -24.69 -1.04 8.92
C LYS C 17 -24.28 -1.36 7.48
N TYR C 18 -23.00 -1.27 7.14
CA TYR C 18 -22.60 -1.52 5.75
C TYR C 18 -21.35 -2.39 5.59
N ASP C 19 -21.39 -3.29 4.62
CA ASP C 19 -20.27 -4.20 4.36
C ASP C 19 -19.75 -4.03 2.97
N VAL C 20 -18.53 -3.48 2.81
CA VAL C 20 -17.97 -3.35 1.45
C VAL C 20 -17.78 -4.75 0.89
N CYS C 21 -17.99 -4.93 -0.40
CA CYS C 21 -17.89 -6.29 -0.93
C CYS C 21 -17.32 -6.35 -2.34
N GLY C 22 -16.96 -5.19 -2.88
CA GLY C 22 -16.43 -5.15 -4.23
C GLY C 22 -16.16 -3.77 -4.78
N ILE C 23 -15.55 -3.76 -5.95
CA ILE C 23 -15.21 -2.56 -6.66
C ILE C 23 -16.24 -2.57 -7.79
N ILE C 24 -16.77 -1.42 -8.14
CA ILE C 24 -17.76 -1.39 -9.20
C ILE C 24 -17.38 -0.40 -10.28
N SER C 25 -17.66 -0.74 -11.53
CA SER C 25 -17.39 0.17 -12.63
C SER C 25 -18.65 1.02 -12.94
N ALA C 26 -18.49 2.04 -13.78
CA ALA C 26 -19.63 2.87 -14.15
C ALA C 26 -20.70 2.10 -14.94
N GLU C 27 -20.31 0.95 -15.48
CA GLU C 27 -21.19 0.09 -16.27
C GLU C 27 -21.95 -0.92 -15.42
N GLY C 28 -21.68 -0.93 -14.12
CA GLY C 28 -22.39 -1.86 -13.26
C GLY C 28 -21.73 -3.20 -13.03
N LYS C 29 -20.50 -3.40 -13.51
CA LYS C 29 -19.83 -4.67 -13.31
C LYS C 29 -19.03 -4.64 -11.98
N ILE C 30 -19.12 -5.69 -11.19
CA ILE C 30 -18.41 -5.70 -9.92
C ILE C 30 -17.26 -6.76 -9.81
N TYR C 31 -16.11 -6.31 -9.29
CA TYR C 31 -14.97 -7.19 -9.08
C TYR C 31 -14.80 -7.33 -7.58
N PRO C 32 -14.70 -8.58 -7.09
CA PRO C 32 -14.54 -8.87 -5.65
C PRO C 32 -13.22 -8.34 -5.05
N LEU C 33 -13.15 -8.36 -3.72
CA LEU C 33 -11.96 -7.87 -3.04
C LEU C 33 -11.01 -9.01 -2.62
N GLY C 34 -9.78 -8.65 -2.26
CA GLY C 34 -8.77 -9.58 -1.80
C GLY C 34 -8.75 -9.51 -0.27
N SER C 35 -8.03 -10.41 0.38
CA SER C 35 -8.02 -10.49 1.84
C SER C 35 -6.76 -9.98 2.55
N ASP C 36 -5.84 -9.39 1.81
CA ASP C 36 -4.62 -8.87 2.38
C ASP C 36 -4.83 -7.43 2.85
N THR C 37 -4.01 -7.01 3.81
CA THR C 37 -4.08 -5.65 4.36
C THR C 37 -3.91 -4.52 3.35
N LYS C 38 -3.13 -4.75 2.31
CA LYS C 38 -2.93 -3.69 1.34
C LYS C 38 -4.29 -3.30 0.71
N VAL C 39 -5.12 -4.31 0.49
CA VAL C 39 -6.44 -4.11 -0.09
C VAL C 39 -7.42 -3.51 0.94
N LEU C 40 -7.45 -4.12 2.12
CA LEU C 40 -8.38 -3.70 3.17
C LEU C 40 -8.09 -2.33 3.71
N SER C 41 -6.81 -1.98 3.87
CA SER C 41 -6.50 -0.65 4.38
C SER C 41 -7.07 0.41 3.43
N THR C 42 -6.89 0.21 2.14
CA THR C 42 -7.40 1.11 1.14
C THR C 42 -8.94 1.16 1.21
N ILE C 43 -9.59 -0.01 1.29
CA ILE C 43 -11.06 -0.09 1.33
C ILE C 43 -11.59 0.65 2.57
N PHE C 44 -11.04 0.31 3.76
CA PHE C 44 -11.45 0.93 5.02
C PHE C 44 -11.24 2.44 4.99
N GLU C 45 -10.18 2.92 4.34
CA GLU C 45 -9.97 4.35 4.28
C GLU C 45 -11.01 5.07 3.38
N LEU C 46 -11.26 4.51 2.19
CA LEU C 46 -12.23 5.10 1.28
C LEU C 46 -13.63 5.02 1.90
N PHE C 47 -13.89 4.00 2.70
CA PHE C 47 -15.17 3.82 3.38
C PHE C 47 -15.37 4.94 4.43
N SER C 48 -14.25 5.36 5.02
CA SER C 48 -14.19 6.41 6.03
C SER C 48 -14.30 7.86 5.54
N ARG C 49 -13.77 8.13 4.34
CA ARG C 49 -13.73 9.47 3.81
C ARG C 49 -15.03 10.23 3.78
N PRO C 50 -16.13 9.65 3.25
CA PRO C 50 -17.43 10.37 3.22
C PRO C 50 -17.94 10.69 4.63
N ILE C 51 -17.76 9.76 5.56
CA ILE C 51 -18.21 9.93 6.94
C ILE C 51 -17.43 11.06 7.59
N ILE C 52 -16.11 11.00 7.49
CA ILE C 52 -15.27 12.02 8.11
C ILE C 52 -15.65 13.42 7.63
N ASN C 53 -15.84 13.57 6.33
CA ASN C 53 -16.19 14.86 5.76
C ASN C 53 -17.58 15.32 6.18
N LYS C 54 -18.56 14.42 6.18
CA LYS C 54 -19.93 14.78 6.56
C LYS C 54 -19.97 15.39 7.94
N ILE C 55 -19.40 14.69 8.92
CA ILE C 55 -19.38 15.14 10.32
C ILE C 55 -18.67 16.50 10.47
N ALA C 56 -17.52 16.64 9.81
CA ALA C 56 -16.74 17.87 9.85
C ALA C 56 -17.59 19.02 9.31
N GLU C 57 -18.26 18.78 8.20
CA GLU C 57 -19.10 19.83 7.63
C GLU C 57 -20.19 20.16 8.65
N LYS C 58 -20.71 19.15 9.33
CA LYS C 58 -21.76 19.36 10.33
C LYS C 58 -21.30 20.24 11.50
N HIS C 59 -19.99 20.23 11.75
CA HIS C 59 -19.39 21.02 12.81
C HIS C 59 -18.66 22.26 12.29
N GLY C 60 -18.84 22.61 11.02
CA GLY C 60 -18.22 23.79 10.47
C GLY C 60 -16.72 23.73 10.22
N TYR C 61 -16.21 22.51 10.10
CA TYR C 61 -14.78 22.32 9.86
C TYR C 61 -14.44 22.10 8.38
N ILE C 62 -13.30 22.61 7.97
CA ILE C 62 -12.84 22.41 6.61
C ILE C 62 -12.07 21.09 6.60
N VAL C 63 -12.21 20.32 5.52
CA VAL C 63 -11.49 19.08 5.39
C VAL C 63 -10.53 19.19 4.21
N GLU C 64 -9.29 18.73 4.39
CA GLU C 64 -8.31 18.76 3.33
C GLU C 64 -7.47 17.52 3.33
N GLU C 65 -7.26 16.98 2.14
CA GLU C 65 -6.45 15.79 1.94
C GLU C 65 -5.15 16.23 1.31
N PRO C 66 -4.10 15.42 1.47
CA PRO C 66 -2.80 15.79 0.90
C PRO C 66 -2.92 16.05 -0.60
N LYS C 67 -2.30 17.15 -1.05
CA LYS C 67 -2.32 17.50 -2.48
C LYS C 67 -1.27 16.59 -3.13
N GLN C 68 -0.18 16.39 -2.41
CA GLN C 68 0.88 15.52 -2.89
C GLN C 68 0.80 14.20 -2.14
N GLN C 69 1.20 13.11 -2.80
CA GLN C 69 1.19 11.80 -2.18
C GLN C 69 2.30 11.78 -1.13
N ASN C 70 2.28 10.78 -0.24
CA ASN C 70 3.31 10.59 0.78
C ASN C 70 3.44 11.74 1.76
N HIS C 71 2.31 12.35 2.10
CA HIS C 71 2.30 13.42 3.07
C HIS C 71 1.23 13.13 4.12
N TYR C 72 1.62 13.19 5.39
CA TYR C 72 0.70 12.98 6.49
C TYR C 72 0.02 14.30 6.72
N PRO C 73 -1.25 14.31 7.18
CA PRO C 73 -2.07 13.13 7.45
C PRO C 73 -3.11 12.87 6.33
N ASP C 74 -3.83 11.77 6.45
CA ASP C 74 -4.88 11.43 5.48
C ASP C 74 -5.95 12.54 5.41
N PHE C 75 -6.23 13.16 6.56
CA PHE C 75 -7.22 14.20 6.63
C PHE C 75 -6.76 15.28 7.58
N THR C 76 -6.96 16.52 7.19
CA THR C 76 -6.63 17.68 8.00
C THR C 76 -7.95 18.42 8.17
N LEU C 77 -8.39 18.60 9.41
CA LEU C 77 -9.62 19.32 9.69
C LEU C 77 -9.28 20.62 10.40
N TYR C 78 -9.84 21.72 9.90
CA TYR C 78 -9.62 23.02 10.53
C TYR C 78 -10.70 24.04 10.20
N LYS C 79 -10.89 24.96 11.12
CA LYS C 79 -11.81 26.07 10.98
C LYS C 79 -10.94 27.26 10.58
N PRO C 80 -11.44 28.10 9.65
CA PRO C 80 -10.72 29.27 9.17
C PRO C 80 -10.39 30.17 10.36
N SER C 81 -11.35 30.26 11.28
CA SER C 81 -11.19 31.08 12.47
C SER C 81 -10.07 30.68 13.41
N GLU C 82 -9.63 29.43 13.34
CA GLU C 82 -8.53 28.96 14.18
C GLU C 82 -7.55 28.10 13.36
N PRO C 83 -6.75 28.76 12.53
CA PRO C 83 -5.76 28.10 11.67
C PRO C 83 -4.62 27.37 12.37
N ASN C 84 -4.40 27.68 13.65
CA ASN C 84 -3.33 27.05 14.42
C ASN C 84 -3.86 25.95 15.33
N LYS C 85 -5.11 25.56 15.13
CA LYS C 85 -5.67 24.51 15.94
C LYS C 85 -6.13 23.37 15.04
N LYS C 86 -5.32 23.05 14.05
CA LYS C 86 -5.68 21.98 13.14
C LYS C 86 -5.73 20.60 13.82
N ILE C 87 -6.49 19.69 13.22
CA ILE C 87 -6.63 18.34 13.74
C ILE C 87 -6.29 17.38 12.62
N ALA C 88 -5.30 16.53 12.88
CA ALA C 88 -4.85 15.53 11.91
C ALA C 88 -5.59 14.23 12.20
N ILE C 89 -6.19 13.65 11.17
CA ILE C 89 -6.86 12.40 11.36
C ILE C 89 -6.22 11.42 10.38
N ASP C 90 -5.66 10.35 10.94
CA ASP C 90 -5.01 9.32 10.13
C ASP C 90 -5.64 7.94 10.27
N ILE C 91 -5.95 7.34 9.13
CA ILE C 91 -6.56 6.03 9.12
C ILE C 91 -5.49 4.95 9.05
N LYS C 92 -5.54 4.00 9.98
CA LYS C 92 -4.57 2.90 10.03
C LYS C 92 -5.27 1.57 10.15
N THR C 93 -4.68 0.53 9.57
CA THR C 93 -5.30 -0.78 9.57
C THR C 93 -4.33 -1.88 9.88
N THR C 94 -4.83 -2.90 10.55
CA THR C 94 -4.03 -4.06 10.84
C THR C 94 -4.98 -5.23 10.87
N TYR C 95 -4.42 -6.43 11.01
CA TYR C 95 -5.24 -7.63 10.99
C TYR C 95 -4.89 -8.56 12.13
N THR C 96 -5.59 -9.69 12.14
CA THR C 96 -5.39 -10.72 13.13
C THR C 96 -5.92 -11.99 12.46
N ASN C 97 -5.38 -13.16 12.80
CA ASN C 97 -5.88 -14.39 12.19
C ASN C 97 -7.06 -14.90 12.96
N LYS C 98 -7.07 -14.59 14.24
CA LYS C 98 -8.15 -14.99 15.11
C LYS C 98 -8.65 -13.78 15.86
N GLU C 99 -9.95 -13.58 15.85
CA GLU C 99 -10.55 -12.46 16.57
C GLU C 99 -10.13 -12.42 18.05
N ASN C 100 -10.15 -11.21 18.61
CA ASN C 100 -9.81 -10.97 20.01
C ASN C 100 -8.32 -11.07 20.33
N GLU C 101 -7.50 -11.47 19.35
CA GLU C 101 -6.07 -11.55 19.60
C GLU C 101 -5.50 -10.16 19.78
N LYS C 102 -4.21 -10.08 20.15
CA LYS C 102 -3.53 -8.79 20.30
C LYS C 102 -3.14 -8.21 18.95
N ILE C 103 -3.17 -6.89 18.83
CA ILE C 103 -2.85 -6.25 17.59
C ILE C 103 -1.88 -5.11 17.82
N LYS C 104 -1.21 -4.69 16.77
CA LYS C 104 -0.26 -3.59 16.81
C LYS C 104 -0.37 -2.81 15.49
N PHE C 105 -0.18 -1.50 15.55
CA PHE C 105 -0.24 -0.66 14.39
C PHE C 105 1.09 0.05 14.28
N THR C 106 1.43 0.44 13.06
CA THR C 106 2.60 1.25 12.79
C THR C 106 1.97 2.68 12.77
N LEU C 107 2.48 3.61 13.57
CA LEU C 107 1.90 4.95 13.67
C LEU C 107 2.64 6.07 13.01
N GLY C 108 3.13 5.84 11.79
CA GLY C 108 3.84 6.89 11.10
C GLY C 108 5.31 6.96 11.48
N GLY C 109 6.08 7.72 10.72
CA GLY C 109 7.50 7.78 11.00
C GLY C 109 7.87 8.64 12.20
N TYR C 110 9.05 8.41 12.74
CA TYR C 110 9.52 9.20 13.86
C TYR C 110 10.68 10.10 13.46
N THR C 111 11.00 10.14 12.16
CA THR C 111 12.10 10.96 11.69
C THR C 111 11.69 12.00 10.66
N SER C 112 10.39 12.16 10.44
CA SER C 112 9.91 13.14 9.47
C SER C 112 9.37 14.39 10.18
N PHE C 113 8.05 14.59 10.16
CA PHE C 113 7.40 15.77 10.76
C PHE C 113 7.56 15.89 12.28
N ILE C 114 7.77 14.80 13.00
CA ILE C 114 7.96 14.94 14.43
C ILE C 114 9.33 15.52 14.74
N ARG C 115 10.29 15.36 13.81
CA ARG C 115 11.63 15.90 13.99
C ARG C 115 11.84 17.10 13.12
N ASN C 116 10.91 17.34 12.20
CA ASN C 116 11.04 18.48 11.33
C ASN C 116 9.66 19.05 11.06
N ASN C 117 9.45 20.28 11.51
CA ASN C 117 8.15 20.93 11.39
C ASN C 117 7.40 20.85 10.08
N THR C 118 8.09 20.82 8.93
CA THR C 118 7.42 20.74 7.61
C THR C 118 7.78 19.52 6.76
N LYS C 119 8.31 18.47 7.37
CA LYS C 119 8.68 17.30 6.63
C LYS C 119 7.59 16.25 6.48
N ASN C 120 7.10 16.06 5.26
CA ASN C 120 6.07 15.05 4.96
C ASN C 120 4.75 15.26 5.71
N ILE C 121 4.31 16.51 5.79
CA ILE C 121 3.07 16.84 6.47
C ILE C 121 2.45 17.95 5.62
N VAL C 122 1.12 17.96 5.51
CA VAL C 122 0.38 18.96 4.71
C VAL C 122 0.63 20.38 5.21
N TYR C 123 0.50 20.56 6.53
CA TYR C 123 0.75 21.84 7.17
C TYR C 123 1.80 21.59 8.26
N PRO C 124 2.53 22.66 8.65
CA PRO C 124 3.56 22.59 9.71
C PRO C 124 3.03 21.88 10.97
N PHE C 125 3.83 20.99 11.52
CA PHE C 125 3.46 20.23 12.71
C PHE C 125 2.91 21.11 13.84
N ASP C 126 3.46 22.30 13.95
CA ASP C 126 3.05 23.20 15.02
C ASP C 126 1.68 23.89 14.85
N GLN C 127 0.97 23.57 13.77
CA GLN C 127 -0.37 24.13 13.56
C GLN C 127 -1.46 23.12 13.98
N TYR C 128 -1.05 21.89 14.31
CA TYR C 128 -2.01 20.87 14.74
C TYR C 128 -2.00 20.81 16.25
N ILE C 129 -3.18 20.65 16.87
CA ILE C 129 -3.27 20.56 18.31
C ILE C 129 -3.71 19.17 18.71
N ALA C 130 -3.98 18.34 17.70
CA ALA C 130 -4.42 16.98 17.95
C ALA C 130 -4.13 16.08 16.74
N HIS C 131 -3.77 14.84 17.04
CA HIS C 131 -3.47 13.89 15.99
C HIS C 131 -4.26 12.65 16.33
N TRP C 132 -5.37 12.43 15.64
CA TRP C 132 -6.21 11.24 15.87
C TRP C 132 -5.91 10.09 14.91
N ILE C 133 -6.10 8.90 15.45
CA ILE C 133 -5.95 7.69 14.71
C ILE C 133 -7.28 6.96 14.66
N ILE C 134 -7.77 6.75 13.44
CA ILE C 134 -8.95 5.96 13.22
C ILE C 134 -8.35 4.58 12.83
N GLY C 135 -8.35 3.67 13.79
CA GLY C 135 -7.78 2.35 13.60
C GLY C 135 -8.85 1.31 13.28
N TYR C 136 -8.56 0.51 12.27
CA TYR C 136 -9.43 -0.55 11.83
C TYR C 136 -8.72 -1.85 12.07
N VAL C 137 -9.47 -2.82 12.58
CA VAL C 137 -8.92 -4.15 12.80
C VAL C 137 -9.88 -5.13 12.16
N TYR C 138 -9.34 -6.16 11.48
CA TYR C 138 -10.17 -7.18 10.83
C TYR C 138 -9.56 -8.56 10.95
N THR C 139 -10.40 -9.59 11.00
CA THR C 139 -9.92 -10.95 11.07
C THR C 139 -9.84 -11.44 9.63
N ARG C 140 -8.68 -11.97 9.23
CA ARG C 140 -8.49 -12.43 7.85
C ARG C 140 -9.36 -13.62 7.49
N VAL C 141 -9.83 -13.63 6.25
CA VAL C 141 -10.70 -14.69 5.73
C VAL C 141 -10.18 -15.07 4.35
N LYS C 145 -12.77 -19.54 -5.12
CA LYS C 145 -13.49 -19.67 -6.38
C LYS C 145 -14.41 -18.47 -6.61
N SER C 146 -15.17 -18.13 -5.58
CA SER C 146 -16.09 -17.00 -5.62
C SER C 146 -15.39 -15.66 -5.92
N SER C 147 -14.31 -15.38 -5.20
CA SER C 147 -13.59 -14.12 -5.41
C SER C 147 -12.90 -14.06 -6.75
N LEU C 148 -13.00 -15.13 -7.54
CA LEU C 148 -12.34 -15.16 -8.83
C LEU C 148 -13.16 -14.71 -10.02
N LYS C 149 -14.47 -14.55 -9.87
CA LYS C 149 -15.28 -14.11 -11.01
C LYS C 149 -15.86 -12.74 -10.76
N THR C 150 -16.45 -12.14 -11.77
CA THR C 150 -17.06 -10.83 -11.59
C THR C 150 -18.53 -11.06 -11.32
N TYR C 151 -19.19 -10.03 -10.79
CA TYR C 151 -20.61 -10.07 -10.42
C TYR C 151 -21.31 -8.83 -10.96
N ASN C 152 -22.64 -8.83 -10.87
CA ASN C 152 -23.44 -7.71 -11.32
C ASN C 152 -24.30 -7.28 -10.14
N ILE C 153 -24.87 -6.08 -10.21
CA ILE C 153 -25.72 -5.52 -9.17
C ILE C 153 -26.64 -6.55 -8.55
N LEU C 156 -24.70 -8.29 -5.73
CA LEU C 156 -24.43 -8.04 -4.32
C LEU C 156 -25.01 -9.20 -3.50
N ASN C 157 -24.80 -9.22 -2.20
CA ASN C 157 -25.33 -10.28 -1.33
C ASN C 157 -24.75 -11.67 -1.54
N GLU C 158 -24.48 -12.04 -2.80
CA GLU C 158 -23.87 -13.33 -3.10
C GLU C 158 -22.35 -13.19 -2.91
N ILE C 159 -21.81 -12.06 -3.39
CA ILE C 159 -20.39 -11.75 -3.33
C ILE C 159 -19.77 -11.96 -1.98
N PRO C 160 -18.79 -12.88 -1.89
CA PRO C 160 -18.08 -13.22 -0.65
C PRO C 160 -17.23 -12.06 -0.16
N LYS C 161 -17.25 -11.82 1.15
CA LYS C 161 -16.47 -10.73 1.77
C LYS C 161 -15.24 -11.31 2.42
N PRO C 162 -14.06 -10.88 1.98
CA PRO C 162 -12.73 -11.33 2.46
C PRO C 162 -12.31 -10.93 3.87
N TYR C 163 -13.25 -10.78 4.81
CA TYR C 163 -12.89 -10.36 6.17
C TYR C 163 -13.97 -10.78 7.12
N LYS C 164 -13.67 -10.64 8.40
CA LYS C 164 -14.59 -10.98 9.47
C LYS C 164 -14.37 -10.02 10.64
N GLY C 165 -15.46 -9.77 11.37
CA GLY C 165 -15.41 -8.93 12.54
C GLY C 165 -14.55 -7.69 12.49
N VAL C 166 -14.91 -6.73 11.62
CA VAL C 166 -14.17 -5.48 11.49
C VAL C 166 -14.52 -4.62 12.68
N LYS C 167 -13.51 -4.03 13.32
CA LYS C 167 -13.72 -3.16 14.47
C LYS C 167 -13.02 -1.86 14.20
N VAL C 168 -13.61 -0.75 14.63
CA VAL C 168 -13.04 0.56 14.44
C VAL C 168 -12.94 1.39 15.74
N PHE C 169 -11.89 2.19 15.87
CA PHE C 169 -11.75 3.04 17.05
C PHE C 169 -11.20 4.38 16.61
N LEU C 170 -11.24 5.35 17.53
CA LEU C 170 -10.72 6.69 17.25
C LEU C 170 -9.99 6.98 18.54
N GLN C 171 -8.73 7.39 18.45
CA GLN C 171 -7.97 7.69 19.63
C GLN C 171 -6.80 8.59 19.30
N ASP C 172 -6.23 9.24 20.32
CA ASP C 172 -5.09 10.12 20.10
C ASP C 172 -3.87 9.24 19.86
N LYS C 173 -3.03 9.65 18.91
CA LYS C 173 -1.82 8.90 18.60
C LYS C 173 -0.93 8.72 19.82
N TRP C 174 -0.72 9.80 20.57
CA TRP C 174 0.16 9.70 21.73
C TRP C 174 -0.36 8.72 22.74
N VAL C 175 -1.69 8.62 22.83
CA VAL C 175 -2.31 7.73 23.78
C VAL C 175 -2.10 6.22 23.53
N ILE C 176 -2.11 5.81 22.27
CA ILE C 176 -1.92 4.39 21.95
C ILE C 176 -0.50 4.06 21.48
N ALA C 177 0.37 5.06 21.50
CA ALA C 177 1.76 4.91 21.12
C ALA C 177 2.46 3.98 22.10
N GLY C 178 3.37 3.15 21.57
CA GLY C 178 4.12 2.22 22.40
C GLY C 178 5.54 2.74 22.44
N ASP C 179 6.51 1.91 22.90
CA ASP C 179 7.89 2.37 23.00
C ASP C 179 8.83 1.63 22.05
N LEU C 180 8.26 0.70 21.29
CA LEU C 180 9.07 -0.07 20.36
C LEU C 180 8.64 0.25 18.91
N ALA C 181 9.62 0.43 18.04
CA ALA C 181 9.38 0.75 16.65
C ALA C 181 8.36 -0.19 15.97
N GLY C 182 7.58 0.39 15.09
CA GLY C 182 6.61 -0.42 14.39
C GLY C 182 7.22 -0.93 13.10
N SER C 183 8.36 -0.37 12.69
CA SER C 183 9.04 -0.83 11.48
C SER C 183 10.53 -0.45 11.51
N GLY C 184 11.37 -1.21 10.82
CA GLY C 184 12.79 -0.93 10.82
C GLY C 184 13.30 0.10 9.85
N ASN C 185 13.58 -0.35 8.62
CA ASN C 185 14.12 0.53 7.59
C ASN C 185 13.23 1.73 7.25
N THR C 186 11.95 1.65 7.62
CA THR C 186 11.04 2.77 7.33
C THR C 186 10.74 3.59 8.60
N THR C 187 11.56 3.37 9.62
CA THR C 187 11.50 4.12 10.89
C THR C 187 10.12 4.61 11.36
N ASN C 188 9.27 3.66 11.73
CA ASN C 188 7.91 3.95 12.19
C ASN C 188 7.72 3.78 13.67
N ILE C 189 6.88 4.63 14.23
CA ILE C 189 6.51 4.55 15.63
C ILE C 189 5.62 3.31 15.70
N GLY C 190 5.76 2.56 16.78
CA GLY C 190 4.97 1.37 16.98
C GLY C 190 3.97 1.71 18.05
N SER C 191 2.76 1.17 17.91
CA SER C 191 1.74 1.43 18.92
C SER C 191 1.92 0.34 19.98
N ILE C 192 1.08 0.36 21.00
CA ILE C 192 1.09 -0.67 22.02
C ILE C 192 0.64 -1.94 21.28
N HIS C 193 0.97 -3.08 21.86
CA HIS C 193 0.60 -4.36 21.31
C HIS C 193 -0.36 -4.82 22.38
N ALA C 194 -1.66 -4.66 22.12
CA ALA C 194 -2.69 -5.01 23.09
C ALA C 194 -4.03 -5.30 22.41
N HIS C 195 -5.06 -5.55 23.22
CA HIS C 195 -6.39 -5.85 22.69
C HIS C 195 -7.11 -4.59 22.23
N TYR C 196 -8.05 -4.78 21.29
CA TYR C 196 -8.85 -3.68 20.73
C TYR C 196 -9.41 -2.78 21.86
N LYS C 197 -9.87 -3.38 22.95
CA LYS C 197 -10.42 -2.64 24.10
C LYS C 197 -9.39 -1.71 24.71
N ASP C 198 -8.13 -2.12 24.65
CA ASP C 198 -7.04 -1.31 25.16
C ASP C 198 -6.82 -0.03 24.36
N PHE C 199 -7.07 -0.08 23.05
CA PHE C 199 -6.91 1.12 22.21
C PHE C 199 -8.10 2.05 22.51
N VAL C 200 -9.31 1.48 22.52
CA VAL C 200 -10.54 2.24 22.82
C VAL C 200 -10.43 2.94 24.20
N GLU C 201 -10.00 2.23 25.21
CA GLU C 201 -9.89 2.84 26.50
C GLU C 201 -8.63 3.68 26.71
N GLY C 202 -7.73 3.72 25.72
CA GLY C 202 -6.52 4.54 25.89
C GLY C 202 -5.47 4.08 26.88
N LYS C 203 -5.29 2.77 26.99
CA LYS C 203 -4.30 2.23 27.91
C LYS C 203 -2.91 2.14 27.25
N GLY C 204 -2.25 3.28 27.07
CA GLY C 204 -0.94 3.29 26.45
C GLY C 204 0.16 3.27 27.49
N ILE C 205 1.34 3.75 27.14
CA ILE C 205 2.45 3.76 28.09
C ILE C 205 3.05 5.11 28.43
N PHE C 206 2.71 6.14 27.66
CA PHE C 206 3.26 7.45 27.96
C PHE C 206 2.35 8.18 28.94
N ASP C 207 2.93 9.10 29.71
CA ASP C 207 2.20 9.87 30.71
C ASP C 207 1.60 11.11 30.10
N SER C 208 2.25 11.64 29.09
CA SER C 208 1.78 12.83 28.43
C SER C 208 2.19 12.77 26.98
N GLU C 209 1.62 13.68 26.20
CA GLU C 209 1.92 13.80 24.79
C GLU C 209 3.36 14.30 24.66
N ASP C 210 3.78 15.15 25.59
CA ASP C 210 5.13 15.66 25.57
C ASP C 210 6.12 14.56 25.81
N GLU C 211 5.78 13.59 26.65
CA GLU C 211 6.71 12.49 26.88
C GLU C 211 6.80 11.61 25.60
N PHE C 212 5.66 11.34 24.96
CA PHE C 212 5.61 10.56 23.73
C PHE C 212 6.50 11.24 22.69
N LEU C 213 6.32 12.54 22.52
CA LEU C 213 7.09 13.29 21.58
C LEU C 213 8.59 13.22 21.89
N ASP C 214 8.98 13.54 23.13
CA ASP C 214 10.41 13.53 23.47
C ASP C 214 11.04 12.15 23.27
N TYR C 215 10.28 11.10 23.60
CA TYR C 215 10.78 9.74 23.42
C TYR C 215 11.06 9.43 21.93
N TRP C 216 10.09 9.63 21.05
CA TRP C 216 10.33 9.33 19.65
C TRP C 216 11.24 10.29 18.93
N ARG C 217 11.38 11.51 19.47
CA ARG C 217 12.26 12.47 18.85
C ARG C 217 13.72 12.15 19.18
N ASN C 218 13.94 11.31 20.20
CA ASN C 218 15.30 10.94 20.62
C ASN C 218 15.54 9.44 20.58
N TYR C 219 14.66 8.73 19.88
CA TYR C 219 14.79 7.27 19.75
C TYR C 219 15.80 7.07 18.59
N GLU C 220 16.78 6.20 18.82
CA GLU C 220 17.80 5.91 17.82
C GLU C 220 17.26 4.91 16.77
N ARG C 221 17.76 4.98 15.54
CA ARG C 221 17.29 4.08 14.47
C ARG C 221 17.53 2.56 14.55
N THR C 222 18.59 2.12 15.21
CA THR C 222 18.81 0.68 15.29
C THR C 222 19.11 0.26 16.72
N SER C 223 18.99 -1.03 17.00
CA SER C 223 19.28 -1.54 18.32
C SER C 223 20.71 -1.13 18.72
N GLN C 224 21.63 -1.11 17.76
CA GLN C 224 23.02 -0.74 18.02
C GLN C 224 23.13 0.70 18.51
N ARG C 226 20.75 2.31 20.01
CA ARG C 226 19.87 2.51 21.16
C ARG C 226 20.46 1.79 22.37
N ASN C 227 21.43 0.91 22.10
CA ASN C 227 22.08 0.14 23.15
C ASN C 227 22.48 1.01 24.33
N ASP C 228 23.19 2.10 24.07
CA ASP C 228 23.61 2.93 25.16
C ASP C 228 22.83 4.23 25.32
N LYS C 229 21.53 4.20 25.03
CA LYS C 229 20.70 5.39 25.18
C LYS C 229 19.45 4.85 25.82
N TYR C 230 18.46 4.45 25.03
CA TYR C 230 17.28 3.80 25.58
C TYR C 230 16.62 3.03 24.49
N ASN C 231 16.03 1.90 24.87
CA ASN C 231 15.35 1.01 23.97
C ASN C 231 13.89 0.86 24.30
N ASN C 232 13.50 1.27 25.50
CA ASN C 232 12.12 1.18 25.94
C ASN C 232 11.81 2.32 26.95
N ILE C 233 10.55 2.39 27.36
CA ILE C 233 10.12 3.45 28.25
C ILE C 233 10.86 3.45 29.59
N SER C 234 11.12 2.28 30.13
CA SER C 234 11.83 2.21 31.42
C SER C 234 13.21 2.85 31.30
N GLU C 235 13.95 2.48 30.25
CA GLU C 235 15.29 3.02 30.04
C GLU C 235 15.26 4.51 29.79
N TYR C 236 14.24 4.95 29.04
CA TYR C 236 14.09 6.38 28.72
C TYR C 236 13.89 7.17 30.02
N ARG C 237 13.05 6.67 30.90
CA ARG C 237 12.82 7.34 32.19
C ARG C 237 14.10 7.44 33.02
N ASN C 238 14.92 6.39 32.96
CA ASN C 238 16.21 6.36 33.64
C ASN C 238 17.14 7.35 32.94
N TRP C 239 17.10 7.36 31.62
CA TRP C 239 17.91 8.27 30.82
C TRP C 239 17.55 9.73 31.15
N ILE C 240 16.26 9.96 31.32
CA ILE C 240 15.73 11.27 31.65
C ILE C 240 16.17 11.61 33.09
N TYR C 241 16.03 10.65 34.00
CA TYR C 241 16.42 10.85 35.39
C TYR C 241 17.87 11.31 35.49
N ARG C 242 18.77 10.65 34.74
CA ARG C 242 20.21 10.99 34.75
C ARG C 242 20.64 12.29 34.08
N GLY C 243 19.76 12.97 33.37
CA GLY C 243 20.21 14.20 32.74
C GLY C 243 20.40 14.09 31.25
N ARG C 244 19.72 13.10 30.65
CA ARG C 244 19.72 12.82 29.19
C ARG C 244 21.12 12.47 28.71
N LYS C 245 21.72 11.49 29.35
CA LYS C 245 23.07 11.09 29.01
C LYS C 245 23.38 9.72 29.64
N SER D 2 -1.54 -17.65 -27.74
CA SER D 2 -0.97 -18.30 -26.52
C SER D 2 -1.68 -17.74 -25.28
N LEU D 3 -1.25 -18.22 -24.11
CA LEU D 3 -1.76 -17.74 -22.83
C LEU D 3 -1.35 -16.26 -22.78
N ARG D 4 -0.11 -15.98 -23.19
CA ARG D 4 0.38 -14.61 -23.14
C ARG D 4 -0.37 -13.66 -24.07
N SER D 5 -0.59 -14.07 -25.30
CA SER D 5 -1.29 -13.21 -26.26
C SER D 5 -2.78 -13.02 -25.87
N ASP D 6 -3.36 -14.07 -25.34
CA ASP D 6 -4.76 -14.03 -24.92
C ASP D 6 -4.91 -13.19 -23.64
N LEU D 7 -3.88 -13.20 -22.80
CA LEU D 7 -3.91 -12.40 -21.58
C LEU D 7 -3.75 -10.91 -21.93
N ILE D 8 -2.79 -10.61 -22.78
CA ILE D 8 -2.58 -9.24 -23.20
C ILE D 8 -3.85 -8.65 -23.86
N ASN D 9 -4.51 -9.46 -24.70
CA ASN D 9 -5.71 -9.06 -25.40
C ASN D 9 -6.88 -8.80 -24.40
N ALA D 10 -7.07 -9.77 -23.52
CA ALA D 10 -8.11 -9.72 -22.50
C ALA D 10 -7.89 -8.47 -21.64
N LEU D 11 -6.63 -8.19 -21.28
CA LEU D 11 -6.32 -7.01 -20.47
C LEU D 11 -6.75 -5.74 -21.18
N TYR D 12 -6.29 -5.58 -22.43
CA TYR D 12 -6.62 -4.42 -23.25
C TYR D 12 -8.15 -4.25 -23.37
N ASP D 13 -8.87 -5.33 -23.67
CA ASP D 13 -10.32 -5.24 -23.83
C ASP D 13 -11.05 -4.86 -22.55
N GLU D 14 -10.68 -5.48 -21.43
CA GLU D 14 -11.33 -5.17 -20.17
C GLU D 14 -11.09 -3.70 -19.85
N ASN D 15 -9.87 -3.23 -20.06
CA ASN D 15 -9.50 -1.84 -19.82
C ASN D 15 -10.32 -0.90 -20.69
N GLN D 16 -10.57 -1.28 -21.94
CA GLN D 16 -11.35 -0.44 -22.84
C GLN D 16 -12.83 -0.48 -22.50
N LYS D 17 -13.30 -1.61 -22.01
CA LYS D 17 -14.71 -1.76 -21.72
C LYS D 17 -15.21 -1.25 -20.37
N TYR D 18 -14.35 -1.26 -19.36
CA TYR D 18 -14.83 -0.87 -18.03
C TYR D 18 -14.00 0.18 -17.30
N ASP D 19 -14.71 1.03 -16.55
CA ASP D 19 -14.12 2.11 -15.73
C ASP D 19 -14.52 1.90 -14.26
N VAL D 20 -13.58 1.49 -13.41
CA VAL D 20 -13.87 1.32 -12.00
C VAL D 20 -14.19 2.71 -11.43
N CYS D 21 -15.27 2.85 -10.64
CA CYS D 21 -15.60 4.17 -10.12
C CYS D 21 -15.87 4.21 -8.63
N GLY D 22 -15.94 3.06 -7.98
CA GLY D 22 -16.15 3.08 -6.55
C GLY D 22 -16.16 1.74 -5.86
N ILE D 23 -16.27 1.78 -4.54
CA ILE D 23 -16.36 0.55 -3.79
C ILE D 23 -17.84 0.50 -3.47
N ILE D 24 -18.40 -0.70 -3.55
CA ILE D 24 -19.81 -0.92 -3.32
C ILE D 24 -20.04 -1.91 -2.18
N SER D 25 -21.04 -1.62 -1.35
CA SER D 25 -21.38 -2.47 -0.24
C SER D 25 -22.52 -3.40 -0.64
N ALA D 26 -22.73 -4.47 0.11
CA ALA D 26 -23.81 -5.42 -0.17
C ALA D 26 -25.17 -4.75 -0.12
N GLU D 27 -25.20 -3.56 0.50
CA GLU D 27 -26.43 -2.78 0.64
C GLU D 27 -26.67 -1.82 -0.54
N GLY D 28 -25.74 -1.74 -1.50
CA GLY D 28 -25.94 -0.85 -2.63
C GLY D 28 -25.34 0.53 -2.52
N LYS D 29 -24.82 0.88 -1.35
CA LYS D 29 -24.18 2.19 -1.14
C LYS D 29 -22.74 2.19 -1.72
N ILE D 30 -22.39 3.23 -2.46
CA ILE D 30 -21.11 3.33 -3.12
C ILE D 30 -20.23 4.45 -2.60
N TYR D 31 -18.98 4.10 -2.28
CA TYR D 31 -17.99 5.05 -1.78
C TYR D 31 -17.02 5.34 -2.96
N PRO D 32 -16.76 6.62 -3.27
CA PRO D 32 -15.87 6.89 -4.39
C PRO D 32 -14.42 6.45 -4.16
N LEU D 33 -13.60 6.57 -5.20
CA LEU D 33 -12.20 6.19 -5.16
C LEU D 33 -11.34 7.41 -4.93
N GLY D 34 -10.14 7.21 -4.38
CA GLY D 34 -9.22 8.32 -4.20
C GLY D 34 -8.32 8.39 -5.42
N SER D 35 -7.52 9.44 -5.50
CA SER D 35 -6.64 9.68 -6.63
C SER D 35 -5.14 9.42 -6.43
N ASP D 36 -4.75 8.55 -5.51
CA ASP D 36 -3.32 8.27 -5.31
C ASP D 36 -3.00 6.85 -5.71
N THR D 37 -1.72 6.58 -6.00
CA THR D 37 -1.27 5.25 -6.46
C THR D 37 -1.58 4.14 -5.50
N LYS D 38 -1.43 4.43 -4.21
CA LYS D 38 -1.74 3.42 -3.21
C LYS D 38 -3.19 2.89 -3.39
N VAL D 39 -4.11 3.78 -3.75
CA VAL D 39 -5.49 3.38 -3.97
C VAL D 39 -5.65 2.71 -5.34
N LEU D 40 -5.18 3.39 -6.39
CA LEU D 40 -5.31 2.87 -7.74
C LEU D 40 -4.63 1.54 -7.97
N SER D 41 -3.44 1.34 -7.40
CA SER D 41 -2.72 0.07 -7.54
C SER D 41 -3.61 -1.05 -7.04
N THR D 42 -4.22 -0.83 -5.88
CA THR D 42 -5.15 -1.82 -5.34
C THR D 42 -6.35 -2.09 -6.25
N ILE D 43 -6.93 -1.04 -6.78
CA ILE D 43 -8.10 -1.20 -7.64
C ILE D 43 -7.69 -1.89 -8.95
N PHE D 44 -6.60 -1.45 -9.57
CA PHE D 44 -6.12 -2.02 -10.84
C PHE D 44 -5.81 -3.51 -10.68
N GLU D 45 -5.28 -3.87 -9.51
CA GLU D 45 -5.02 -5.29 -9.26
C GLU D 45 -6.27 -6.13 -9.10
N LEU D 46 -7.26 -5.62 -8.36
CA LEU D 46 -8.48 -6.38 -8.17
C LEU D 46 -9.22 -6.48 -9.49
N PHE D 47 -9.04 -5.47 -10.30
CA PHE D 47 -9.65 -5.39 -11.62
C PHE D 47 -9.01 -6.50 -12.51
N SER D 48 -7.70 -6.69 -12.34
CA SER D 48 -6.96 -7.69 -13.10
C SER D 48 -7.25 -9.13 -12.72
N ARG D 49 -7.60 -9.41 -11.47
CA ARG D 49 -7.81 -10.79 -11.03
C ARG D 49 -8.73 -11.73 -11.79
N PRO D 50 -10.02 -11.39 -11.96
CA PRO D 50 -10.84 -12.36 -12.69
C PRO D 50 -10.41 -12.54 -14.14
N ILE D 51 -9.82 -11.54 -14.76
CA ILE D 51 -9.42 -11.72 -16.15
C ILE D 51 -8.21 -12.63 -16.26
N ILE D 52 -7.25 -12.49 -15.36
CA ILE D 52 -6.05 -13.33 -15.36
C ILE D 52 -6.51 -14.77 -15.14
N ASN D 53 -7.46 -14.95 -14.22
CA ASN D 53 -7.98 -16.26 -13.86
C ASN D 53 -8.77 -16.90 -15.02
N LYS D 54 -9.52 -16.07 -15.75
CA LYS D 54 -10.31 -16.52 -16.88
C LYS D 54 -9.40 -17.14 -17.94
N ILE D 55 -8.47 -16.34 -18.46
CA ILE D 55 -7.54 -16.79 -19.49
C ILE D 55 -6.68 -17.97 -19.05
N ALA D 56 -6.34 -18.02 -17.77
CA ALA D 56 -5.53 -19.11 -17.28
C ALA D 56 -6.34 -20.40 -17.40
N GLU D 57 -7.63 -20.31 -17.09
CA GLU D 57 -8.52 -21.44 -17.14
C GLU D 57 -8.65 -21.92 -18.60
N LYS D 58 -8.78 -20.96 -19.49
CA LYS D 58 -8.92 -21.25 -20.90
C LYS D 58 -7.69 -22.01 -21.38
N HIS D 59 -6.56 -21.82 -20.70
CA HIS D 59 -5.32 -22.50 -21.07
C HIS D 59 -4.90 -23.62 -20.17
N GLY D 60 -5.74 -23.97 -19.22
CA GLY D 60 -5.44 -25.07 -18.34
C GLY D 60 -4.45 -24.82 -17.24
N TYR D 61 -4.27 -23.56 -16.86
CA TYR D 61 -3.33 -23.25 -15.77
C TYR D 61 -4.04 -23.01 -14.45
N ILE D 62 -3.47 -23.51 -13.39
CA ILE D 62 -4.00 -23.29 -12.05
C ILE D 62 -3.49 -21.89 -11.67
N VAL D 63 -4.28 -21.10 -10.92
CA VAL D 63 -3.84 -19.78 -10.49
C VAL D 63 -3.82 -19.77 -8.96
N GLU D 64 -2.71 -19.31 -8.40
CA GLU D 64 -2.55 -19.25 -6.96
C GLU D 64 -2.07 -17.87 -6.59
N GLU D 65 -2.70 -17.30 -5.59
CA GLU D 65 -2.30 -15.99 -5.10
C GLU D 65 -1.56 -16.30 -3.82
N PRO D 66 -0.76 -15.34 -3.36
CA PRO D 66 -0.04 -15.63 -2.12
C PRO D 66 -1.02 -15.92 -0.96
N LYS D 67 -0.70 -16.91 -0.13
CA LYS D 67 -1.52 -17.23 1.02
C LYS D 67 -1.02 -16.35 2.13
N GLN D 68 0.27 -16.03 2.07
CA GLN D 68 0.92 -15.20 3.05
C GLN D 68 1.12 -13.82 2.48
N GLN D 69 0.98 -12.81 3.33
CA GLN D 69 1.16 -11.46 2.85
C GLN D 69 2.63 -11.17 2.55
N ASN D 70 2.88 -10.09 1.83
CA ASN D 70 4.23 -9.65 1.48
C ASN D 70 5.09 -10.72 0.78
N HIS D 71 4.49 -11.50 -0.10
CA HIS D 71 5.24 -12.53 -0.84
C HIS D 71 4.94 -12.37 -2.35
N TYR D 72 6.00 -12.37 -3.15
CA TYR D 72 5.88 -12.26 -4.59
C TYR D 72 5.55 -13.66 -5.09
N PRO D 73 4.79 -13.78 -6.19
CA PRO D 73 4.20 -12.72 -7.01
C PRO D 73 2.68 -12.65 -6.76
N ASP D 74 1.99 -11.67 -7.34
CA ASP D 74 0.51 -11.58 -7.21
C ASP D 74 -0.17 -12.83 -7.72
N PHE D 75 0.27 -13.34 -8.87
CA PHE D 75 -0.29 -14.55 -9.44
C PHE D 75 0.77 -15.58 -9.88
N THR D 76 0.60 -16.81 -9.43
CA THR D 76 1.46 -17.93 -9.81
C THR D 76 0.60 -18.88 -10.69
N LEU D 77 1.00 -19.05 -11.95
CA LEU D 77 0.28 -19.93 -12.87
C LEU D 77 1.15 -21.12 -13.22
N TYR D 78 0.55 -22.30 -13.31
CA TYR D 78 1.26 -23.52 -13.68
C TYR D 78 0.30 -24.58 -14.10
N LYS D 79 0.66 -25.36 -15.12
CA LYS D 79 -0.20 -26.42 -15.58
C LYS D 79 -0.05 -27.57 -14.60
N PRO D 80 -1.15 -28.23 -14.26
CA PRO D 80 -1.19 -29.36 -13.32
C PRO D 80 -0.29 -30.54 -13.68
N SER D 81 0.26 -30.55 -14.89
CA SER D 81 1.17 -31.62 -15.28
C SER D 81 2.62 -31.24 -15.04
N GLU D 82 2.98 -29.98 -15.31
CA GLU D 82 4.35 -29.52 -15.13
C GLU D 82 4.48 -28.43 -14.05
N PRO D 83 4.35 -28.81 -12.78
CA PRO D 83 4.45 -27.84 -11.68
C PRO D 83 5.76 -27.06 -11.55
N ASN D 84 6.82 -27.53 -12.19
CA ASN D 84 8.12 -26.85 -12.09
C ASN D 84 8.35 -25.77 -13.11
N LYS D 85 7.33 -25.48 -13.90
CA LYS D 85 7.42 -24.44 -14.90
C LYS D 85 6.28 -23.42 -14.63
N LYS D 86 6.42 -22.73 -13.51
CA LYS D 86 5.45 -21.72 -13.07
C LYS D 86 5.71 -20.36 -13.71
N ILE D 87 4.65 -19.60 -13.96
CA ILE D 87 4.74 -18.27 -14.55
C ILE D 87 4.32 -17.25 -13.45
N ALA D 88 5.15 -16.26 -13.20
CA ALA D 88 4.89 -15.25 -12.17
C ALA D 88 4.33 -14.02 -12.83
N ILE D 89 3.15 -13.58 -12.40
CA ILE D 89 2.56 -12.38 -12.95
C ILE D 89 2.41 -11.41 -11.78
N ASP D 90 2.95 -10.22 -11.96
CA ASP D 90 2.91 -9.23 -10.91
C ASP D 90 2.43 -7.92 -11.47
N ILE D 91 1.45 -7.31 -10.80
CA ILE D 91 0.85 -6.05 -11.26
C ILE D 91 1.59 -4.86 -10.68
N LYS D 92 1.95 -3.87 -11.50
CA LYS D 92 2.64 -2.67 -11.01
C LYS D 92 1.93 -1.47 -11.56
N THR D 93 1.97 -0.38 -10.82
CA THR D 93 1.28 0.86 -11.21
C THR D 93 2.12 2.10 -11.00
N THR D 94 2.01 3.05 -11.90
CA THR D 94 2.69 4.30 -11.72
C THR D 94 1.79 5.39 -12.32
N TYR D 95 2.06 6.65 -12.01
CA TYR D 95 1.21 7.72 -12.52
C TYR D 95 1.90 8.62 -13.52
N THR D 96 1.12 9.42 -14.24
CA THR D 96 1.61 10.40 -15.21
C THR D 96 0.77 11.67 -15.08
N ASN D 97 1.41 12.82 -15.11
CA ASN D 97 0.68 14.09 -15.04
C ASN D 97 0.35 14.48 -16.49
N LYS D 98 0.43 13.52 -17.41
CA LYS D 98 0.17 13.79 -18.84
C LYS D 98 0.43 12.57 -19.71
N LYS D 102 7.26 10.20 -20.09
CA LYS D 102 8.20 9.26 -19.49
C LYS D 102 7.79 8.77 -18.09
N ILE D 103 7.76 7.44 -17.94
CA ILE D 103 7.36 6.79 -16.72
C ILE D 103 8.39 5.75 -16.28
N LYS D 104 8.27 5.36 -15.01
CA LYS D 104 9.16 4.41 -14.33
C LYS D 104 8.39 3.68 -13.25
N PHE D 105 8.69 2.39 -13.15
CA PHE D 105 8.05 1.52 -12.19
C PHE D 105 9.12 0.98 -11.30
N THR D 106 8.73 0.57 -10.10
CA THR D 106 9.64 -0.09 -9.20
C THR D 106 9.29 -1.51 -9.56
N LEU D 107 10.30 -2.37 -9.71
CA LEU D 107 10.05 -3.74 -10.14
C LEU D 107 10.34 -4.80 -9.12
N GLY D 108 10.14 -4.47 -7.84
CA GLY D 108 10.39 -5.46 -6.80
C GLY D 108 11.78 -5.37 -6.23
N GLY D 109 12.00 -6.07 -5.13
CA GLY D 109 13.28 -5.96 -4.50
C GLY D 109 14.34 -6.72 -5.25
N TYR D 110 15.58 -6.33 -5.01
CA TYR D 110 16.72 -6.99 -5.62
C TYR D 110 17.53 -7.74 -4.59
N THR D 111 17.06 -7.80 -3.33
CA THR D 111 17.74 -8.52 -2.26
C THR D 111 16.90 -9.65 -1.69
N SER D 112 15.72 -9.88 -2.25
CA SER D 112 14.88 -10.98 -1.76
C SER D 112 15.05 -12.30 -2.55
N PHE D 113 13.96 -12.75 -3.18
CA PHE D 113 13.95 -13.98 -3.95
C PHE D 113 15.02 -14.10 -5.05
N ILE D 114 15.49 -12.99 -5.64
CA ILE D 114 16.55 -13.15 -6.66
C ILE D 114 17.94 -13.39 -6.03
N ARG D 115 18.09 -13.23 -4.70
CA ARG D 115 19.36 -13.52 -4.05
C ARG D 115 19.25 -14.77 -3.18
N ASN D 116 18.02 -15.10 -2.78
CA ASN D 116 17.72 -16.27 -1.97
C ASN D 116 16.50 -16.89 -2.57
N ASN D 117 16.67 -18.13 -3.01
CA ASN D 117 15.65 -18.92 -3.68
C ASN D 117 14.25 -19.02 -3.02
N THR D 118 14.19 -18.93 -1.68
CA THR D 118 12.92 -19.06 -0.98
C THR D 118 12.49 -17.82 -0.18
N LYS D 119 13.13 -16.68 -0.43
CA LYS D 119 12.83 -15.45 0.30
C LYS D 119 11.74 -14.55 -0.28
N ASN D 120 10.63 -14.43 0.44
CA ASN D 120 9.52 -13.57 0.01
C ASN D 120 8.90 -14.02 -1.33
N ILE D 121 8.87 -15.33 -1.54
CA ILE D 121 8.31 -15.85 -2.77
C ILE D 121 7.40 -17.02 -2.43
N VAL D 122 6.27 -17.15 -3.13
CA VAL D 122 5.32 -18.22 -2.85
C VAL D 122 5.88 -19.59 -3.10
N TYR D 123 6.73 -19.70 -4.12
CA TYR D 123 7.36 -20.98 -4.50
C TYR D 123 8.79 -20.63 -4.79
N PRO D 124 9.73 -21.59 -4.60
CA PRO D 124 11.16 -21.34 -4.86
C PRO D 124 11.32 -20.64 -6.22
N PHE D 125 12.21 -19.65 -6.25
CA PHE D 125 12.45 -18.85 -7.45
C PHE D 125 12.84 -19.67 -8.69
N ASP D 126 13.56 -20.77 -8.45
CA ASP D 126 13.99 -21.64 -9.52
C ASP D 126 12.85 -22.47 -10.13
N GLN D 127 11.65 -22.40 -9.56
CA GLN D 127 10.53 -23.12 -10.18
C GLN D 127 9.81 -22.23 -11.19
N TYR D 128 10.23 -20.97 -11.31
CA TYR D 128 9.61 -20.06 -12.27
C TYR D 128 10.41 -19.89 -13.57
N ILE D 129 9.75 -20.08 -14.70
CA ILE D 129 10.43 -19.97 -15.99
C ILE D 129 10.16 -18.66 -16.67
N ALA D 130 9.21 -17.89 -16.15
CA ALA D 130 8.87 -16.58 -16.72
C ALA D 130 8.37 -15.66 -15.62
N HIS D 131 8.67 -14.38 -15.76
CA HIS D 131 8.29 -13.35 -14.80
C HIS D 131 7.69 -12.20 -15.60
N TRP D 132 6.37 -12.17 -15.63
CA TRP D 132 5.62 -11.15 -16.36
C TRP D 132 5.18 -9.96 -15.49
N ILE D 133 5.23 -8.78 -16.08
CA ILE D 133 4.83 -7.56 -15.41
C ILE D 133 3.62 -7.00 -16.15
N ILE D 134 2.52 -6.88 -15.43
CA ILE D 134 1.31 -6.22 -15.98
C ILE D 134 1.38 -4.81 -15.41
N GLY D 135 1.77 -3.86 -16.25
CA GLY D 135 1.91 -2.50 -15.80
C GLY D 135 0.73 -1.60 -16.16
N TYR D 136 0.27 -0.84 -15.17
CA TYR D 136 -0.83 0.10 -15.34
C TYR D 136 -0.29 1.49 -15.17
N VAL D 137 -0.64 2.37 -16.11
CA VAL D 137 -0.20 3.75 -16.07
C VAL D 137 -1.50 4.55 -16.09
N TYR D 138 -1.62 5.51 -15.18
CA TYR D 138 -2.80 6.36 -15.13
C TYR D 138 -2.42 7.84 -14.98
N THR D 139 -3.18 8.70 -15.65
CA THR D 139 -2.98 10.15 -15.56
C THR D 139 -3.81 10.59 -14.36
N ARG D 140 -3.16 11.23 -13.40
CA ARG D 140 -3.87 11.70 -12.20
C ARG D 140 -4.84 12.84 -12.56
N VAL D 141 -6.02 12.79 -11.96
CA VAL D 141 -7.00 13.83 -12.20
C VAL D 141 -6.58 15.02 -11.36
N SER D 147 -14.64 12.42 -5.08
CA SER D 147 -15.51 13.18 -4.21
C SER D 147 -15.52 12.60 -2.81
N LEU D 148 -16.18 13.30 -1.89
CA LEU D 148 -16.29 12.89 -0.49
C LEU D 148 -17.77 12.68 -0.15
N LYS D 149 -18.51 12.15 -1.12
CA LYS D 149 -19.94 11.89 -0.96
C LYS D 149 -20.21 10.44 -1.29
N THR D 150 -21.38 9.92 -0.89
CA THR D 150 -21.76 8.54 -1.19
C THR D 150 -22.77 8.53 -2.32
N TYR D 151 -22.94 7.38 -2.96
CA TYR D 151 -23.85 7.30 -4.09
C TYR D 151 -24.61 6.02 -4.08
N ASN D 152 -25.60 5.93 -4.95
CA ASN D 152 -26.39 4.72 -5.11
C ASN D 152 -26.25 4.27 -6.58
N ILE D 153 -26.74 3.07 -6.90
CA ILE D 153 -26.66 2.49 -8.24
C ILE D 153 -27.10 3.38 -9.41
N ASN D 154 -28.16 4.14 -9.21
CA ASN D 154 -28.67 5.00 -10.27
C ASN D 154 -27.76 6.18 -10.57
N GLU D 155 -26.75 6.40 -9.74
CA GLU D 155 -25.83 7.51 -9.95
C GLU D 155 -24.41 7.10 -10.43
N LEU D 156 -24.26 5.85 -10.91
CA LEU D 156 -22.96 5.31 -11.39
C LEU D 156 -22.21 6.20 -12.35
N ASN D 157 -22.93 6.68 -13.38
CA ASN D 157 -22.39 7.55 -14.41
C ASN D 157 -21.99 8.93 -13.90
N GLU D 158 -22.47 9.32 -12.72
CA GLU D 158 -22.07 10.64 -12.23
C GLU D 158 -21.01 10.62 -11.12
N ILE D 159 -20.44 9.45 -10.84
CA ILE D 159 -19.39 9.31 -9.84
C ILE D 159 -18.09 9.75 -10.51
N PRO D 160 -17.40 10.75 -9.94
CA PRO D 160 -16.14 11.25 -10.49
C PRO D 160 -14.99 10.21 -10.45
N LYS D 161 -14.40 9.95 -11.60
CA LYS D 161 -13.30 8.97 -11.67
C LYS D 161 -12.01 9.61 -11.24
N PRO D 162 -11.17 8.88 -10.50
CA PRO D 162 -9.90 9.46 -10.04
C PRO D 162 -8.74 9.34 -11.06
N TYR D 163 -9.09 9.23 -12.34
CA TYR D 163 -8.12 9.10 -13.42
C TYR D 163 -8.74 9.60 -14.70
N LYS D 164 -7.95 10.21 -15.58
CA LYS D 164 -8.43 10.73 -16.87
C LYS D 164 -8.34 9.60 -17.91
N GLY D 165 -7.22 8.87 -17.88
CA GLY D 165 -7.00 7.79 -18.82
C GLY D 165 -6.01 6.78 -18.27
N VAL D 166 -6.19 5.52 -18.60
CA VAL D 166 -5.34 4.46 -18.09
C VAL D 166 -4.86 3.58 -19.23
N LYS D 167 -3.57 3.20 -19.20
CA LYS D 167 -3.02 2.30 -20.20
C LYS D 167 -2.39 1.10 -19.50
N VAL D 168 -2.61 -0.09 -20.08
CA VAL D 168 -2.08 -1.33 -19.51
C VAL D 168 -1.14 -2.06 -20.48
N PHE D 169 -0.14 -2.75 -19.95
CA PHE D 169 0.78 -3.52 -20.78
C PHE D 169 1.22 -4.78 -20.06
N LEU D 170 1.62 -5.78 -20.82
CA LEU D 170 2.16 -6.99 -20.23
C LEU D 170 3.56 -7.21 -20.86
N GLN D 171 4.60 -7.14 -20.07
CA GLN D 171 5.95 -7.35 -20.60
C GLN D 171 6.75 -8.25 -19.66
N ASP D 172 7.89 -8.79 -20.12
CA ASP D 172 8.71 -9.59 -19.21
C ASP D 172 9.47 -8.58 -18.31
N LYS D 173 9.64 -8.92 -17.05
CA LYS D 173 10.34 -8.04 -16.10
C LYS D 173 11.75 -7.64 -16.62
N TRP D 174 12.59 -8.62 -16.93
CA TRP D 174 13.96 -8.34 -17.40
C TRP D 174 14.04 -7.36 -18.57
N VAL D 175 13.12 -7.51 -19.50
CA VAL D 175 13.08 -6.66 -20.68
C VAL D 175 12.91 -5.19 -20.36
N ILE D 176 12.15 -4.85 -19.32
CA ILE D 176 11.88 -3.45 -18.99
C ILE D 176 12.71 -2.93 -17.82
N ALA D 177 13.50 -3.82 -17.23
CA ALA D 177 14.37 -3.44 -16.10
C ALA D 177 15.43 -2.44 -16.51
N GLY D 178 15.69 -1.47 -15.62
CA GLY D 178 16.70 -0.46 -15.87
C GLY D 178 17.91 -0.85 -15.05
N ASP D 179 18.84 0.08 -14.93
CA ASP D 179 20.05 -0.19 -14.14
C ASP D 179 20.20 0.60 -12.84
N LEU D 180 19.30 1.56 -12.59
CA LEU D 180 19.34 2.36 -11.36
C LEU D 180 18.20 1.84 -10.47
N ALA D 181 18.40 1.83 -9.15
CA ALA D 181 17.37 1.32 -8.26
C ALA D 181 16.06 2.11 -8.40
N GLY D 182 14.98 1.46 -8.02
CA GLY D 182 13.68 2.12 -8.07
C GLY D 182 13.37 2.69 -6.70
N SER D 183 14.06 2.22 -5.68
CA SER D 183 13.90 2.75 -4.35
C SER D 183 15.22 2.56 -3.58
N GLY D 184 15.44 3.34 -2.53
CA GLY D 184 16.66 3.25 -1.75
C GLY D 184 16.58 2.31 -0.55
N ASN D 185 15.93 2.74 0.55
CA ASN D 185 15.88 1.90 1.75
C ASN D 185 15.13 0.59 1.57
N THR D 186 14.29 0.51 0.55
CA THR D 186 13.53 -0.73 0.27
C THR D 186 14.12 -1.51 -0.94
N THR D 187 15.30 -1.07 -1.37
CA THR D 187 16.06 -1.76 -2.41
C THR D 187 15.29 -2.49 -3.55
N ASN D 188 14.55 -1.72 -4.33
CA ASN D 188 13.79 -2.24 -5.45
C ASN D 188 14.54 -1.97 -6.75
N ILE D 189 14.29 -2.80 -7.75
CA ILE D 189 14.87 -2.64 -9.06
C ILE D 189 14.03 -1.52 -9.67
N GLY D 190 14.64 -0.67 -10.46
CA GLY D 190 13.92 0.38 -11.13
C GLY D 190 13.80 -0.05 -12.61
N SER D 191 12.69 0.30 -13.25
CA SER D 191 12.49 -0.02 -14.65
C SER D 191 13.24 1.04 -15.40
N ILE D 192 13.17 1.01 -16.73
CA ILE D 192 13.80 2.03 -17.55
C ILE D 192 12.91 3.24 -17.35
N HIS D 193 13.35 4.40 -17.80
CA HIS D 193 12.56 5.60 -17.69
C HIS D 193 12.21 5.84 -19.13
N ALA D 194 11.04 5.38 -19.57
CA ALA D 194 10.67 5.51 -20.98
C ALA D 194 9.19 5.79 -21.19
N HIS D 195 8.78 5.98 -22.44
CA HIS D 195 7.38 6.21 -22.78
C HIS D 195 6.64 4.89 -22.72
N TYR D 196 5.34 4.92 -22.45
CA TYR D 196 4.53 3.70 -22.43
C TYR D 196 4.83 2.74 -23.62
N LYS D 197 5.04 3.30 -24.82
CA LYS D 197 5.31 2.49 -26.01
C LYS D 197 6.57 1.62 -25.90
N ASP D 198 7.57 2.16 -25.19
CA ASP D 198 8.83 1.44 -24.98
C ASP D 198 8.65 0.22 -24.10
N PHE D 199 7.71 0.28 -23.17
CA PHE D 199 7.42 -0.86 -22.30
C PHE D 199 6.68 -1.89 -23.14
N VAL D 200 5.73 -1.45 -23.95
CA VAL D 200 5.00 -2.37 -24.80
C VAL D 200 5.96 -3.08 -25.76
N GLU D 201 6.79 -2.30 -26.44
CA GLU D 201 7.74 -2.82 -27.43
C GLU D 201 9.03 -3.43 -26.87
N GLY D 202 9.23 -3.32 -25.56
CA GLY D 202 10.39 -3.87 -24.91
C GLY D 202 11.72 -3.24 -25.24
N LYS D 203 11.78 -1.92 -25.30
CA LYS D 203 13.04 -1.23 -25.61
C LYS D 203 13.84 -1.05 -24.33
N GLY D 204 14.39 -2.14 -23.83
CA GLY D 204 15.19 -2.06 -22.61
C GLY D 204 16.66 -1.70 -22.78
N ILE D 205 17.43 -2.01 -21.76
CA ILE D 205 18.86 -1.74 -21.76
C ILE D 205 19.68 -3.02 -21.60
N PHE D 206 19.12 -4.00 -20.89
CA PHE D 206 19.81 -5.28 -20.70
C PHE D 206 19.84 -6.10 -21.95
N ASP D 207 21.00 -6.66 -22.22
CA ASP D 207 21.21 -7.47 -23.40
C ASP D 207 20.49 -8.81 -23.30
N SER D 208 20.29 -9.29 -22.07
CA SER D 208 19.63 -10.56 -21.85
C SER D 208 19.10 -10.65 -20.42
N GLU D 209 18.29 -11.67 -20.17
CA GLU D 209 17.74 -11.91 -18.84
C GLU D 209 18.92 -12.37 -17.94
N ASP D 210 19.92 -12.98 -18.54
CA ASP D 210 21.11 -13.42 -17.77
C ASP D 210 21.83 -12.16 -17.24
N GLU D 211 21.99 -11.19 -18.13
CA GLU D 211 22.63 -9.94 -17.74
C GLU D 211 21.79 -9.19 -16.69
N PHE D 212 20.46 -9.20 -16.86
CA PHE D 212 19.57 -8.54 -15.91
C PHE D 212 19.74 -9.14 -14.53
N LEU D 213 19.59 -10.46 -14.42
CA LEU D 213 19.71 -11.15 -13.16
C LEU D 213 21.08 -10.92 -12.48
N ASP D 214 22.16 -11.09 -13.25
CA ASP D 214 23.49 -10.92 -12.68
C ASP D 214 23.73 -9.51 -12.19
N TYR D 215 23.30 -8.52 -12.96
CA TYR D 215 23.43 -7.13 -12.61
C TYR D 215 22.72 -6.86 -11.25
N TRP D 216 21.49 -7.31 -11.11
CA TRP D 216 20.76 -7.06 -9.86
C TRP D 216 21.17 -7.93 -8.67
N ARG D 217 21.79 -9.07 -8.95
CA ARG D 217 22.26 -9.92 -7.89
C ARG D 217 23.58 -9.37 -7.32
N ASN D 218 24.23 -8.45 -8.04
CA ASN D 218 25.53 -7.90 -7.62
C ASN D 218 25.56 -6.38 -7.43
N TYR D 219 24.38 -5.78 -7.50
CA TYR D 219 24.22 -4.36 -7.30
C TYR D 219 24.32 -4.12 -5.77
N GLU D 220 25.24 -3.25 -5.37
CA GLU D 220 25.38 -2.92 -3.94
C GLU D 220 24.23 -1.97 -3.55
N ARG D 221 23.86 -1.95 -2.27
CA ARG D 221 22.74 -1.10 -1.78
C ARG D 221 22.95 0.42 -1.71
N THR D 222 24.15 0.87 -1.42
CA THR D 222 24.40 2.30 -1.32
C THR D 222 25.49 2.74 -2.30
N SER D 223 25.46 4.01 -2.70
CA SER D 223 26.44 4.55 -3.62
C SER D 223 27.88 4.33 -3.18
N GLN D 224 28.14 4.34 -1.88
CA GLN D 224 29.49 4.14 -1.36
C GLN D 224 30.02 2.79 -1.80
N LEU D 225 29.21 1.76 -1.61
CA LEU D 225 29.59 0.41 -1.99
C LEU D 225 29.66 0.31 -3.51
N ARG D 226 28.62 0.78 -4.18
CA ARG D 226 28.56 0.73 -5.63
C ARG D 226 29.71 1.45 -6.30
N ASN D 227 30.15 2.55 -5.71
CA ASN D 227 31.23 3.31 -6.31
C ASN D 227 32.52 2.54 -6.43
N ASP D 228 32.59 1.39 -5.77
CA ASP D 228 33.77 0.56 -5.87
C ASP D 228 33.53 -0.56 -6.89
N LYS D 229 32.27 -0.78 -7.25
CA LYS D 229 31.88 -1.83 -8.19
C LYS D 229 31.23 -1.28 -9.46
N TYR D 230 29.96 -0.88 -9.37
CA TYR D 230 29.31 -0.32 -10.52
C TYR D 230 28.00 0.30 -10.10
N ASN D 231 27.64 1.38 -10.78
CA ASN D 231 26.41 2.12 -10.51
C ASN D 231 25.45 2.10 -11.70
N ASN D 232 25.90 1.59 -12.84
CA ASN D 232 25.09 1.56 -14.05
C ASN D 232 25.58 0.41 -14.98
N ILE D 233 24.90 0.22 -16.09
CA ILE D 233 25.19 -0.87 -17.02
C ILE D 233 26.61 -0.91 -17.58
N SER D 234 27.13 0.22 -18.02
CA SER D 234 28.47 0.28 -18.57
C SER D 234 29.48 -0.10 -17.53
N GLU D 235 29.30 0.39 -16.31
CA GLU D 235 30.24 0.09 -15.26
C GLU D 235 30.23 -1.37 -14.85
N TYR D 236 29.06 -1.99 -14.91
CA TYR D 236 28.91 -3.37 -14.54
C TYR D 236 29.64 -4.19 -15.62
N ARG D 237 29.51 -3.76 -16.87
CA ARG D 237 30.14 -4.45 -17.97
C ARG D 237 31.66 -4.39 -17.76
N ASN D 238 32.13 -3.23 -17.27
CA ASN D 238 33.55 -3.09 -17.01
C ASN D 238 34.00 -3.95 -15.83
N TRP D 239 33.11 -4.07 -14.85
CA TRP D 239 33.31 -4.89 -13.66
C TRP D 239 33.45 -6.36 -14.10
N ILE D 240 32.62 -6.77 -15.05
CA ILE D 240 32.69 -8.12 -15.59
C ILE D 240 34.09 -8.36 -16.17
N TYR D 241 34.53 -7.43 -17.02
CA TYR D 241 35.85 -7.52 -17.65
C TYR D 241 36.96 -7.56 -16.62
N ARG D 242 36.86 -6.75 -15.57
CA ARG D 242 37.90 -6.76 -14.53
C ARG D 242 37.96 -8.09 -13.74
N GLY D 243 37.04 -9.00 -14.07
CA GLY D 243 37.00 -10.29 -13.39
C GLY D 243 36.10 -10.33 -12.17
N ARG D 244 35.07 -9.46 -12.20
CA ARG D 244 34.12 -9.37 -11.10
C ARG D 244 34.83 -9.00 -9.83
N LYS D 245 35.66 -7.97 -9.93
CA LYS D 245 36.45 -7.43 -8.82
C LYS D 245 36.95 -6.04 -9.22
MN MN E . -5.22 9.36 2.22
MN MN F . 0.32 -9.93 18.04
MN MN G . 6.61 18.11 1.36
MN MN H . -4.06 5.91 6.00
C ACY I . -16.67 -2.56 6.18
O ACY I . -17.46 -2.35 5.21
OXT ACY I . -16.93 -3.52 6.96
CH3 ACY I . -15.74 -1.38 5.84
MN MN J . 8.29 -16.87 3.26
C ACY K . -10.37 1.16 -15.29
O ACY K . -11.34 0.59 -14.73
OXT ACY K . -9.41 0.56 -14.73
CH3 ACY K . -9.77 2.13 -16.27
#